data_4NE2
#
_entry.id   4NE2
#
_cell.length_a   106.765
_cell.length_b   180.366
_cell.length_c   181.488
_cell.angle_alpha   90.00
_cell.angle_beta   90.00
_cell.angle_gamma   90.00
#
_symmetry.space_group_name_H-M   'F 2 2 2'
#
loop_
_entity.id
_entity.type
_entity.pdbx_description
1 polymer 'Pantothenate kinase'
2 non-polymer "ADENOSINE-5'-DIPHOSPHATE"
3 non-polymer (R)-N-(3-((2-(benzo[d][1,3]dioxol-5-yl)ethyl)amino)-3-oxopropyl)-2,4-dihydroxy-3,3-dimethylbutanamide
4 non-polymer 'MAGNESIUM ION'
5 water water
#
_entity_poly.entity_id   1
_entity_poly.type   'polypeptide(L)'
_entity_poly.pdbx_seq_one_letter_code
;MHHHHHHSSGRENLYFQGMSQKEQTLMTPYLQFNRHQWAALRDSVPMTLTEDEITRLKGINEDLSLEEVAEIYLPLSRLL
NFYISSNLRRQAVLEQFLGTNGQRIPYIISIAGSVAVGKSTTARVLQALLSRWPEHRHVELITTDGFLHPNSVLKERGLM
KKKGFPQSYDMHRLVKFVSDLKSGVPQATAPVYSHLIYDVIPDGDKTVAQPDILILEGLNVLQSGMDYPHDPHHVFVSDF
VDFSIYVDAPEELLKSWYINRFLKFREGAFTDPDSYFHNYAKLSKEEAVDIATSLWNEINLMNLKENILPTRERASLIMT
KSANHSVNQVRLRK
;
_entity_poly.pdbx_strand_id   A,B
#
# COMPACT_ATOMS: atom_id res chain seq x y z
N LEU A 26 -40.31 -2.31 -31.02
CA LEU A 26 -39.14 -3.04 -31.62
C LEU A 26 -37.88 -2.16 -31.68
N MET A 27 -37.99 -0.95 -32.23
CA MET A 27 -36.83 -0.06 -32.42
C MET A 27 -36.69 0.92 -31.27
N THR A 28 -35.46 1.14 -30.81
CA THR A 28 -35.19 2.11 -29.74
C THR A 28 -34.18 3.16 -30.23
N PRO A 29 -33.93 4.23 -29.44
CA PRO A 29 -32.95 5.23 -29.82
C PRO A 29 -31.48 4.76 -29.71
N TYR A 30 -31.27 3.49 -29.35
CA TYR A 30 -29.91 2.97 -29.08
C TYR A 30 -29.52 1.83 -30.01
N LEU A 31 -28.30 1.90 -30.55
CA LEU A 31 -27.66 0.72 -31.12
C LEU A 31 -27.29 -0.22 -29.96
N GLN A 32 -27.43 -1.52 -30.18
CA GLN A 32 -27.18 -2.51 -29.14
C GLN A 32 -26.06 -3.46 -29.53
N PHE A 33 -25.09 -3.65 -28.63
CA PHE A 33 -23.96 -4.53 -28.85
C PHE A 33 -23.88 -5.48 -27.67
N ASN A 34 -23.88 -6.77 -27.93
CA ASN A 34 -23.51 -7.72 -26.89
C ASN A 34 -21.99 -7.67 -26.70
N ARG A 35 -21.48 -8.38 -25.69
CA ARG A 35 -20.06 -8.34 -25.36
C ARG A 35 -19.15 -8.74 -26.54
N HIS A 36 -19.54 -9.81 -27.23
CA HIS A 36 -18.79 -10.32 -28.37
C HIS A 36 -18.75 -9.36 -29.55
N GLN A 37 -19.88 -8.70 -29.83
CA GLN A 37 -19.94 -7.69 -30.89
C GLN A 37 -19.08 -6.47 -30.52
N TRP A 38 -19.10 -6.06 -29.25
CA TRP A 38 -18.32 -4.93 -28.79
C TRP A 38 -16.82 -5.25 -28.83
N ALA A 39 -16.43 -6.42 -28.34
CA ALA A 39 -15.01 -6.84 -28.41
C ALA A 39 -14.51 -6.99 -29.85
N ALA A 40 -15.41 -7.39 -30.76
CA ALA A 40 -15.03 -7.58 -32.17
C ALA A 40 -14.62 -6.28 -32.84
N LEU A 41 -14.89 -5.14 -32.19
CA LEU A 41 -14.51 -3.84 -32.74
C LEU A 41 -13.00 -3.61 -32.83
N ARG A 42 -12.21 -4.49 -32.22
CA ARG A 42 -10.73 -4.35 -32.22
C ARG A 42 -10.08 -4.59 -33.57
N THR A 48 -3.36 -3.37 -28.03
CA THR A 48 -2.42 -3.87 -27.02
C THR A 48 -1.57 -2.73 -26.43
N LEU A 49 -1.02 -2.95 -25.23
CA LEU A 49 -0.51 -1.85 -24.39
C LEU A 49 0.94 -1.95 -23.91
N THR A 50 1.46 -0.81 -23.46
CA THR A 50 2.81 -0.68 -22.88
C THR A 50 2.84 -1.22 -21.44
N GLU A 51 4.02 -1.70 -21.02
CA GLU A 51 4.24 -2.14 -19.64
C GLU A 51 3.98 -1.05 -18.59
N ASP A 52 4.15 0.20 -18.95
CA ASP A 52 3.89 1.21 -17.97
C ASP A 52 2.40 1.54 -17.97
N GLU A 53 1.73 1.29 -19.08
CA GLU A 53 0.28 1.42 -19.13
C GLU A 53 -0.42 0.32 -18.33
N ILE A 54 0.10 -0.91 -18.43
CA ILE A 54 -0.41 -2.03 -17.66
C ILE A 54 -0.30 -1.73 -16.15
N THR A 55 0.87 -1.24 -15.74
CA THR A 55 1.13 -0.90 -14.34
C THR A 55 0.16 0.16 -13.80
N ARG A 56 -0.09 1.19 -14.61
CA ARG A 56 -1.02 2.27 -14.25
C ARG A 56 -2.43 1.72 -14.06
N LEU A 57 -2.83 0.82 -14.98
CA LEU A 57 -4.16 0.19 -14.94
C LEU A 57 -4.32 -0.70 -13.72
N LYS A 58 -3.27 -1.45 -13.40
CA LYS A 58 -3.29 -2.26 -12.20
C LYS A 58 -3.22 -1.38 -10.95
N GLY A 59 -2.62 -0.21 -11.08
CA GLY A 59 -2.60 0.80 -10.02
C GLY A 59 -3.99 1.33 -9.69
N ILE A 60 -4.86 1.40 -10.69
CA ILE A 60 -6.23 1.86 -10.52
C ILE A 60 -7.07 0.87 -9.71
N ASN A 61 -6.98 -0.41 -10.03
CA ASN A 61 -7.76 -1.43 -9.32
C ASN A 61 -7.14 -2.81 -9.53
N GLU A 62 -6.76 -3.46 -8.43
CA GLU A 62 -6.15 -4.78 -8.50
C GLU A 62 -7.11 -5.86 -8.98
N ASP A 63 -8.41 -5.61 -8.86
CA ASP A 63 -9.41 -6.55 -9.35
C ASP A 63 -9.75 -6.32 -10.84
N LEU A 64 -9.26 -5.23 -11.41
CA LEU A 64 -9.52 -4.92 -12.82
C LEU A 64 -8.84 -5.93 -13.74
N SER A 65 -9.63 -6.61 -14.55
CA SER A 65 -9.11 -7.63 -15.45
C SER A 65 -8.54 -6.96 -16.70
N LEU A 66 -7.31 -7.33 -17.07
CA LEU A 66 -6.69 -6.73 -18.25
C LEU A 66 -7.35 -7.20 -19.55
N GLU A 67 -7.91 -8.41 -19.51
CA GLU A 67 -8.74 -8.92 -20.60
C GLU A 67 -9.97 -8.02 -20.82
N GLU A 68 -10.63 -7.63 -19.73
CA GLU A 68 -11.71 -6.66 -19.76
C GLU A 68 -11.28 -5.31 -20.36
N VAL A 69 -10.10 -4.82 -19.96
CA VAL A 69 -9.59 -3.55 -20.50
C VAL A 69 -9.45 -3.65 -22.04
N ALA A 70 -8.85 -4.75 -22.46
CA ALA A 70 -8.57 -5.00 -23.86
C ALA A 70 -9.84 -5.13 -24.70
N GLU A 71 -10.82 -5.86 -24.15
CA GLU A 71 -12.03 -6.23 -24.89
C GLU A 71 -13.13 -5.18 -24.84
N ILE A 72 -13.16 -4.38 -23.77
CA ILE A 72 -14.24 -3.45 -23.52
C ILE A 72 -13.77 -2.01 -23.54
N TYR A 73 -12.77 -1.70 -22.73
CA TYR A 73 -12.41 -0.30 -22.50
C TYR A 73 -11.58 0.31 -23.59
N LEU A 74 -10.75 -0.51 -24.23
CA LEU A 74 -9.98 -0.04 -25.39
C LEU A 74 -10.93 0.38 -26.52
N PRO A 75 -11.88 -0.49 -26.94
CA PRO A 75 -12.86 -0.04 -27.96
C PRO A 75 -13.67 1.18 -27.50
N LEU A 76 -14.02 1.25 -26.22
CA LEU A 76 -14.72 2.43 -25.73
C LEU A 76 -13.88 3.72 -25.85
N SER A 77 -12.57 3.65 -25.54
CA SER A 77 -11.71 4.82 -25.65
C SER A 77 -11.60 5.24 -27.13
N ARG A 78 -11.55 4.24 -28.03
CA ARG A 78 -11.49 4.49 -29.48
C ARG A 78 -12.77 5.18 -29.92
N LEU A 79 -13.91 4.67 -29.45
CA LEU A 79 -15.22 5.28 -29.75
C LEU A 79 -15.24 6.74 -29.31
N LEU A 80 -14.89 7.00 -28.05
CA LEU A 80 -14.81 8.38 -27.57
C LEU A 80 -13.88 9.26 -28.39
N ASN A 81 -12.70 8.74 -28.77
CA ASN A 81 -11.78 9.52 -29.60
C ASN A 81 -12.43 9.92 -30.94
N PHE A 82 -13.19 9.03 -31.56
CA PHE A 82 -13.93 9.41 -32.77
C PHE A 82 -14.87 10.61 -32.50
N TYR A 83 -15.58 10.58 -31.39
CA TYR A 83 -16.48 11.70 -31.06
C TYR A 83 -15.71 12.99 -30.78
N ILE A 84 -14.62 12.88 -30.03
CA ILE A 84 -13.80 14.04 -29.70
C ILE A 84 -13.13 14.61 -30.96
N SER A 85 -12.60 13.72 -31.80
N SER A 85 -12.60 13.72 -31.79
CA SER A 85 -11.93 14.13 -33.03
CA SER A 85 -11.93 14.08 -33.04
C SER A 85 -12.91 14.86 -33.94
C SER A 85 -12.90 14.84 -33.95
N SER A 86 -14.10 14.29 -34.11
CA SER A 86 -15.14 14.91 -34.94
C SER A 86 -15.45 16.32 -34.44
N ASN A 87 -15.54 16.49 -33.12
CA ASN A 87 -15.76 17.78 -32.50
C ASN A 87 -14.61 18.76 -32.79
N LEU A 88 -13.35 18.29 -32.70
CA LEU A 88 -12.20 19.15 -32.98
C LEU A 88 -12.20 19.61 -34.45
N ARG A 89 -12.50 18.66 -35.34
CA ARG A 89 -12.59 18.97 -36.76
C ARG A 89 -13.66 20.04 -37.01
N ARG A 90 -14.85 19.82 -36.46
CA ARG A 90 -15.94 20.79 -36.58
C ARG A 90 -15.51 22.16 -36.07
N GLN A 91 -14.80 22.19 -34.94
N GLN A 91 -14.79 22.21 -34.95
CA GLN A 91 -14.34 23.47 -34.38
CA GLN A 91 -14.35 23.48 -34.39
C GLN A 91 -13.44 24.24 -35.35
C GLN A 91 -13.43 24.25 -35.35
N ALA A 92 -12.54 23.55 -36.04
CA ALA A 92 -11.70 24.21 -37.06
C ALA A 92 -12.53 24.75 -38.24
N VAL A 93 -13.48 23.94 -38.71
CA VAL A 93 -14.38 24.37 -39.81
C VAL A 93 -15.15 25.64 -39.41
N LEU A 94 -15.74 25.61 -38.22
CA LEU A 94 -16.46 26.78 -37.71
C LEU A 94 -15.57 27.97 -37.38
N GLU A 95 -14.36 27.72 -36.86
CA GLU A 95 -13.45 28.83 -36.61
C GLU A 95 -13.13 29.57 -37.91
N GLN A 96 -12.93 28.83 -39.01
CA GLN A 96 -12.70 29.45 -40.31
C GLN A 96 -13.93 30.27 -40.76
N PHE A 97 -15.10 29.66 -40.65
CA PHE A 97 -16.36 30.32 -41.09
C PHE A 97 -16.67 31.54 -40.23
N LEU A 98 -16.57 31.38 -38.90
CA LEU A 98 -16.99 32.43 -37.97
C LEU A 98 -15.96 33.52 -37.79
N GLY A 99 -14.72 33.25 -38.18
CA GLY A 99 -13.65 34.23 -38.08
C GLY A 99 -13.22 34.49 -36.66
N THR A 100 -13.41 33.49 -35.80
CA THR A 100 -13.10 33.65 -34.38
C THR A 100 -11.65 33.33 -34.07
N ASN A 101 -11.14 33.94 -33.00
N ASN A 101 -11.13 33.96 -33.00
CA ASN A 101 -9.81 33.62 -32.47
CA ASN A 101 -9.80 33.64 -32.46
C ASN A 101 -9.71 32.14 -32.11
C ASN A 101 -9.70 32.16 -32.11
N GLY A 102 -10.79 31.60 -31.57
CA GLY A 102 -10.89 30.18 -31.31
C GLY A 102 -10.41 29.86 -29.91
N GLN A 103 -11.26 30.16 -28.94
CA GLN A 103 -11.02 29.83 -27.55
C GLN A 103 -10.99 28.31 -27.40
N ARG A 104 -10.04 27.80 -26.62
CA ARG A 104 -9.93 26.37 -26.31
C ARG A 104 -11.01 25.99 -25.31
N ILE A 105 -11.89 25.06 -25.70
CA ILE A 105 -13.00 24.62 -24.85
C ILE A 105 -12.87 23.13 -24.60
N PRO A 106 -12.86 22.70 -23.31
CA PRO A 106 -12.70 21.27 -23.04
C PRO A 106 -13.87 20.45 -23.57
N TYR A 107 -13.56 19.26 -24.07
CA TYR A 107 -14.57 18.25 -24.33
C TYR A 107 -14.89 17.58 -22.99
N ILE A 108 -16.18 17.51 -22.64
CA ILE A 108 -16.56 16.99 -21.30
C ILE A 108 -17.33 15.71 -21.45
N ILE A 109 -16.85 14.68 -20.76
CA ILE A 109 -17.50 13.34 -20.73
C ILE A 109 -18.00 13.16 -19.30
N SER A 110 -19.26 12.79 -19.14
CA SER A 110 -19.79 12.58 -17.80
C SER A 110 -20.05 11.10 -17.62
N ILE A 111 -19.98 10.63 -16.37
CA ILE A 111 -20.18 9.22 -16.07
C ILE A 111 -21.13 9.09 -14.88
N ALA A 112 -22.27 8.45 -15.09
CA ALA A 112 -23.38 8.35 -14.11
C ALA A 112 -23.65 6.92 -13.72
N GLY A 113 -24.45 6.74 -12.68
CA GLY A 113 -24.83 5.40 -12.24
C GLY A 113 -24.90 5.30 -10.72
N SER A 114 -25.39 4.15 -10.27
CA SER A 114 -25.51 3.83 -8.84
C SER A 114 -24.20 3.98 -8.09
N VAL A 115 -24.32 4.28 -6.81
CA VAL A 115 -23.25 4.09 -5.86
C VAL A 115 -22.78 2.64 -6.06
N ALA A 116 -21.46 2.46 -6.12
CA ALA A 116 -20.83 1.13 -6.19
C ALA A 116 -20.97 0.38 -7.51
N VAL A 117 -21.43 1.04 -8.57
CA VAL A 117 -21.51 0.41 -9.90
C VAL A 117 -20.13 0.35 -10.57
N GLY A 118 -19.26 1.29 -10.23
CA GLY A 118 -17.93 1.36 -10.83
C GLY A 118 -17.67 2.62 -11.63
N LYS A 119 -18.35 3.71 -11.29
CA LYS A 119 -18.18 4.96 -12.03
C LYS A 119 -16.73 5.43 -11.95
N SER A 120 -16.16 5.44 -10.75
N SER A 120 -16.17 5.42 -10.75
CA SER A 120 -14.79 5.91 -10.50
CA SER A 120 -14.81 5.90 -10.49
C SER A 120 -13.72 5.07 -11.18
C SER A 120 -13.74 5.07 -11.21
N THR A 121 -13.89 3.75 -11.15
CA THR A 121 -13.00 2.83 -11.84
C THR A 121 -13.06 3.08 -13.36
N THR A 122 -14.27 3.16 -13.91
CA THR A 122 -14.46 3.45 -15.33
C THR A 122 -13.80 4.78 -15.71
N ALA A 123 -14.02 5.82 -14.89
CA ALA A 123 -13.47 7.13 -15.20
C ALA A 123 -11.95 7.11 -15.22
N ARG A 124 -11.36 6.45 -14.23
CA ARG A 124 -9.90 6.38 -14.16
C ARG A 124 -9.29 5.59 -15.32
N VAL A 125 -9.93 4.50 -15.73
CA VAL A 125 -9.46 3.69 -16.86
C VAL A 125 -9.55 4.51 -18.14
N LEU A 126 -10.67 5.23 -18.31
CA LEU A 126 -10.84 6.07 -19.50
C LEU A 126 -9.84 7.23 -19.54
N GLN A 127 -9.54 7.82 -18.39
CA GLN A 127 -8.54 8.88 -18.30
C GLN A 127 -7.18 8.37 -18.78
N ALA A 128 -6.80 7.17 -18.31
CA ALA A 128 -5.55 6.53 -18.70
C ALA A 128 -5.51 6.26 -20.20
N LEU A 129 -6.59 5.70 -20.74
CA LEU A 129 -6.60 5.30 -22.15
C LEU A 129 -6.69 6.48 -23.10
N LEU A 130 -7.47 7.51 -22.76
CA LEU A 130 -7.63 8.70 -23.62
C LEU A 130 -6.34 9.54 -23.71
N SER A 131 -5.52 9.46 -22.66
CA SER A 131 -4.22 10.10 -22.60
C SER A 131 -3.26 9.67 -23.71
N ARG A 132 -3.50 8.48 -24.28
CA ARG A 132 -2.59 7.86 -25.26
C ARG A 132 -2.52 8.60 -26.58
N TRP A 133 -3.55 9.39 -26.87
CA TRP A 133 -3.62 10.15 -28.11
C TRP A 133 -2.89 11.47 -27.94
N PRO A 134 -2.03 11.82 -28.91
CA PRO A 134 -1.34 13.12 -28.87
C PRO A 134 -2.27 14.33 -28.81
N GLU A 135 -3.43 14.25 -29.46
CA GLU A 135 -4.34 15.43 -29.59
C GLU A 135 -4.97 15.84 -28.27
N HIS A 136 -5.17 14.89 -27.38
CA HIS A 136 -5.87 15.24 -26.16
C HIS A 136 -5.24 14.52 -25.00
N ARG A 137 -4.06 15.03 -24.63
CA ARG A 137 -3.18 14.45 -23.62
C ARG A 137 -3.49 14.91 -22.20
N HIS A 138 -4.07 16.10 -22.07
CA HIS A 138 -4.43 16.64 -20.76
C HIS A 138 -5.90 16.34 -20.45
N VAL A 139 -6.08 15.26 -19.68
CA VAL A 139 -7.35 14.69 -19.31
C VAL A 139 -7.53 14.82 -17.80
N GLU A 140 -8.48 15.68 -17.40
CA GLU A 140 -8.77 15.88 -15.99
C GLU A 140 -9.93 15.03 -15.57
N LEU A 141 -9.96 14.63 -14.31
CA LEU A 141 -11.06 13.85 -13.76
C LEU A 141 -11.56 14.56 -12.50
N ILE A 142 -12.87 14.82 -12.44
CA ILE A 142 -13.50 15.53 -11.31
C ILE A 142 -14.69 14.68 -10.87
N THR A 143 -14.77 14.39 -9.57
CA THR A 143 -15.92 13.68 -9.00
C THR A 143 -16.92 14.69 -8.43
N THR A 144 -18.22 14.46 -8.63
CA THR A 144 -19.22 15.39 -8.09
C THR A 144 -19.42 15.27 -6.58
N ASP A 145 -18.84 14.23 -5.97
CA ASP A 145 -18.78 14.06 -4.51
C ASP A 145 -18.43 15.36 -3.82
N GLY A 146 -17.46 16.08 -4.38
CA GLY A 146 -16.92 17.28 -3.76
C GLY A 146 -17.95 18.38 -3.60
N PHE A 147 -18.98 18.36 -4.45
CA PHE A 147 -20.00 19.39 -4.49
C PHE A 147 -21.15 19.11 -3.52
N LEU A 148 -21.03 18.07 -2.69
CA LEU A 148 -21.95 17.90 -1.56
C LEU A 148 -21.82 19.09 -0.62
N HIS A 149 -22.91 19.45 0.04
CA HIS A 149 -22.84 20.43 1.13
C HIS A 149 -21.97 19.80 2.21
N PRO A 150 -21.16 20.63 2.90
CA PRO A 150 -20.38 20.13 4.04
C PRO A 150 -21.32 19.58 5.13
N ASN A 151 -20.78 18.76 6.03
CA ASN A 151 -21.56 18.17 7.13
C ASN A 151 -22.27 19.21 7.99
N SER A 152 -21.61 20.34 8.23
CA SER A 152 -22.19 21.41 9.05
C SER A 152 -23.50 21.90 8.45
N VAL A 153 -23.53 22.08 7.12
CA VAL A 153 -24.75 22.46 6.40
C VAL A 153 -25.79 21.31 6.40
N LEU A 154 -25.37 20.09 6.09
CA LEU A 154 -26.29 18.96 6.04
C LEU A 154 -26.98 18.74 7.39
N LYS A 155 -26.19 18.82 8.46
CA LYS A 155 -26.73 18.60 9.80
C LYS A 155 -27.77 19.67 10.14
N GLU A 156 -27.48 20.93 9.80
CA GLU A 156 -28.44 22.04 9.96
C GLU A 156 -29.76 21.74 9.24
N ARG A 157 -29.66 21.04 8.12
CA ARG A 157 -30.81 20.80 7.24
C ARG A 157 -31.46 19.44 7.47
N GLY A 158 -30.85 18.65 8.35
CA GLY A 158 -31.34 17.32 8.71
C GLY A 158 -31.09 16.31 7.62
N LEU A 159 -29.99 16.48 6.90
CA LEU A 159 -29.70 15.69 5.70
C LEU A 159 -28.48 14.78 5.81
N MET A 160 -28.00 14.55 7.03
CA MET A 160 -26.82 13.69 7.23
C MET A 160 -27.01 12.25 6.74
N LYS A 161 -28.25 11.77 6.71
CA LYS A 161 -28.52 10.41 6.22
C LYS A 161 -29.04 10.41 4.76
N LYS A 162 -28.88 11.54 4.10
CA LYS A 162 -29.34 11.72 2.71
C LYS A 162 -28.21 12.13 1.76
N LYS A 163 -26.97 11.79 2.09
CA LYS A 163 -25.84 12.09 1.20
C LYS A 163 -26.02 11.34 -0.11
N GLY A 164 -25.82 12.07 -1.20
CA GLY A 164 -25.99 11.49 -2.52
C GLY A 164 -27.38 11.76 -3.08
N PHE A 165 -28.31 12.23 -2.23
CA PHE A 165 -29.64 12.65 -2.67
C PHE A 165 -29.58 14.08 -3.18
N PRO A 166 -30.51 14.48 -4.06
CA PRO A 166 -30.41 15.83 -4.63
C PRO A 166 -30.27 16.96 -3.60
N GLN A 167 -31.04 16.90 -2.51
CA GLN A 167 -30.97 17.95 -1.49
C GLN A 167 -29.59 18.05 -0.80
N SER A 168 -28.77 17.00 -0.94
CA SER A 168 -27.44 16.99 -0.32
C SER A 168 -26.38 17.69 -1.16
N TYR A 169 -26.71 18.03 -2.42
CA TYR A 169 -25.73 18.65 -3.34
C TYR A 169 -25.87 20.15 -3.45
N ASP A 170 -24.73 20.84 -3.52
CA ASP A 170 -24.68 22.23 -3.94
C ASP A 170 -24.72 22.23 -5.47
N MET A 171 -25.90 21.92 -6.01
CA MET A 171 -26.07 21.69 -7.46
C MET A 171 -25.84 22.94 -8.31
N HIS A 172 -26.24 24.12 -7.85
CA HIS A 172 -25.89 25.37 -8.55
C HIS A 172 -24.38 25.53 -8.75
N ARG A 173 -23.60 25.16 -7.74
CA ARG A 173 -22.14 25.26 -7.85
C ARG A 173 -21.56 24.29 -8.89
N LEU A 174 -22.10 23.07 -8.94
CA LEU A 174 -21.68 22.08 -9.93
C LEU A 174 -22.05 22.56 -11.36
N VAL A 175 -23.27 23.03 -11.55
CA VAL A 175 -23.65 23.61 -12.86
C VAL A 175 -22.72 24.76 -13.24
N LYS A 176 -22.41 25.65 -12.29
CA LYS A 176 -21.54 26.80 -12.57
C LYS A 176 -20.14 26.33 -12.97
N PHE A 177 -19.68 25.24 -12.34
CA PHE A 177 -18.37 24.67 -12.67
C PHE A 177 -18.26 24.28 -14.15
N VAL A 178 -19.18 23.45 -14.64
CA VAL A 178 -19.12 23.00 -16.05
C VAL A 178 -19.45 24.15 -17.01
N SER A 179 -20.35 25.04 -16.60
CA SER A 179 -20.66 26.23 -17.39
C SER A 179 -19.43 27.13 -17.55
N ASP A 180 -18.67 27.30 -16.48
CA ASP A 180 -17.43 28.07 -16.53
C ASP A 180 -16.40 27.45 -17.49
N LEU A 181 -16.24 26.12 -17.42
CA LEU A 181 -15.35 25.41 -18.36
C LEU A 181 -15.82 25.62 -19.81
N LYS A 182 -17.13 25.51 -20.02
CA LYS A 182 -17.70 25.70 -21.34
C LYS A 182 -17.78 27.16 -21.78
N SER A 183 -17.36 28.08 -20.91
CA SER A 183 -17.24 29.52 -21.21
C SER A 183 -15.81 29.90 -21.57
N GLY A 184 -14.89 28.94 -21.42
CA GLY A 184 -13.50 29.17 -21.73
C GLY A 184 -12.72 29.85 -20.63
N VAL A 185 -13.22 29.82 -19.41
CA VAL A 185 -12.44 30.39 -18.30
C VAL A 185 -11.08 29.66 -18.19
N PRO A 186 -9.99 30.41 -17.93
CA PRO A 186 -8.64 29.85 -17.85
C PRO A 186 -8.47 28.82 -16.72
N GLN A 187 -9.16 29.03 -15.61
CA GLN A 187 -9.19 28.02 -14.54
C GLN A 187 -10.51 28.03 -13.76
N ALA A 188 -10.90 26.85 -13.30
CA ALA A 188 -12.08 26.69 -12.45
C ALA A 188 -11.70 25.82 -11.26
N THR A 189 -12.35 26.04 -10.13
CA THR A 189 -12.00 25.34 -8.90
C THR A 189 -13.13 24.43 -8.49
N ALA A 190 -12.78 23.20 -8.13
CA ALA A 190 -13.77 22.24 -7.64
C ALA A 190 -13.49 21.87 -6.20
N PRO A 191 -14.54 21.81 -5.37
CA PRO A 191 -14.31 21.28 -4.01
C PRO A 191 -14.07 19.78 -4.10
N VAL A 192 -13.38 19.23 -3.11
CA VAL A 192 -12.99 17.81 -3.07
C VAL A 192 -13.49 17.15 -1.78
N TYR A 193 -14.00 15.92 -1.90
CA TYR A 193 -14.56 15.15 -0.79
C TYR A 193 -13.54 14.17 -0.23
N SER A 194 -13.60 13.92 1.07
CA SER A 194 -12.70 12.97 1.72
C SER A 194 -13.51 11.84 2.35
N HIS A 195 -13.19 10.59 2.02
CA HIS A 195 -13.80 9.46 2.71
C HIS A 195 -13.14 9.17 4.05
N LEU A 196 -11.98 9.77 4.31
CA LEU A 196 -11.34 9.65 5.62
C LEU A 196 -12.15 10.39 6.69
N ILE A 197 -12.52 11.63 6.37
CA ILE A 197 -13.33 12.46 7.27
C ILE A 197 -14.81 12.41 6.89
N TYR A 198 -15.16 11.78 5.77
CA TYR A 198 -16.55 11.68 5.29
C TYR A 198 -17.22 13.08 5.26
N ASP A 199 -16.53 14.01 4.61
CA ASP A 199 -16.90 15.41 4.54
C ASP A 199 -16.11 16.07 3.40
N VAL A 200 -16.56 17.25 3.00
CA VAL A 200 -15.80 18.12 2.10
C VAL A 200 -14.52 18.55 2.80
N ILE A 201 -13.40 18.51 2.08
CA ILE A 201 -12.10 18.94 2.61
C ILE A 201 -12.10 20.47 2.76
N PRO A 202 -11.98 20.97 4.01
CA PRO A 202 -12.14 22.39 4.32
C PRO A 202 -11.44 23.33 3.34
N ASP A 203 -10.17 23.12 3.07
CA ASP A 203 -9.50 23.97 2.12
C ASP A 203 -8.76 23.17 1.04
N GLY A 204 -9.39 22.11 0.57
CA GLY A 204 -8.81 21.19 -0.40
C GLY A 204 -9.27 21.33 -1.83
N ASP A 205 -9.72 22.53 -2.19
CA ASP A 205 -10.25 22.83 -3.53
C ASP A 205 -9.21 22.57 -4.65
N LYS A 206 -9.64 21.83 -5.68
CA LYS A 206 -8.80 21.48 -6.83
C LYS A 206 -8.97 22.47 -7.98
N THR A 207 -7.88 22.98 -8.54
CA THR A 207 -7.95 23.94 -9.65
C THR A 207 -7.76 23.21 -10.98
N VAL A 208 -8.70 23.41 -11.89
CA VAL A 208 -8.68 22.82 -13.22
C VAL A 208 -8.39 23.92 -14.24
N ALA A 209 -7.37 23.72 -15.07
CA ALA A 209 -6.92 24.75 -16.00
C ALA A 209 -7.09 24.33 -17.45
N GLN A 210 -8.28 24.53 -18.00
CA GLN A 210 -8.53 24.26 -19.43
C GLN A 210 -7.90 22.95 -19.98
N PRO A 211 -8.37 21.79 -19.50
CA PRO A 211 -7.87 20.51 -20.05
C PRO A 211 -8.40 20.30 -21.46
N ASP A 212 -7.80 19.37 -22.19
CA ASP A 212 -8.37 18.95 -23.47
C ASP A 212 -9.68 18.21 -23.24
N ILE A 213 -9.69 17.38 -22.20
CA ILE A 213 -10.85 16.56 -21.86
C ILE A 213 -11.06 16.66 -20.34
N LEU A 214 -12.31 16.84 -19.93
CA LEU A 214 -12.69 16.67 -18.53
C LEU A 214 -13.67 15.52 -18.44
N ILE A 215 -13.36 14.58 -17.55
CA ILE A 215 -14.30 13.50 -17.23
C ILE A 215 -14.93 13.88 -15.90
N LEU A 216 -16.25 13.97 -15.89
CA LEU A 216 -16.99 14.41 -14.72
C LEU A 216 -17.80 13.22 -14.26
N GLU A 217 -17.48 12.70 -13.07
CA GLU A 217 -17.99 11.41 -12.63
C GLU A 217 -18.84 11.61 -11.36
N GLY A 218 -20.07 11.09 -11.36
CA GLY A 218 -20.92 11.17 -10.17
C GLY A 218 -22.34 10.69 -10.41
N LEU A 219 -23.04 10.37 -9.33
CA LEU A 219 -24.33 9.75 -9.48
C LEU A 219 -25.37 10.68 -10.11
N ASN A 220 -25.15 12.00 -10.00
CA ASN A 220 -26.16 13.01 -10.39
C ASN A 220 -25.94 13.74 -11.73
N VAL A 221 -24.99 13.28 -12.55
CA VAL A 221 -24.57 14.09 -13.70
C VAL A 221 -25.63 14.12 -14.82
N LEU A 222 -26.60 13.20 -14.79
CA LEU A 222 -27.73 13.24 -15.75
C LEU A 222 -29.01 13.80 -15.14
N GLN A 223 -28.93 14.25 -13.88
CA GLN A 223 -30.10 14.86 -13.22
C GLN A 223 -30.33 16.29 -13.75
N SER A 224 -31.51 16.84 -13.49
CA SER A 224 -31.87 18.14 -14.03
C SER A 224 -32.74 18.87 -13.01
N GLY A 225 -33.29 20.01 -13.43
CA GLY A 225 -34.16 20.80 -12.55
C GLY A 225 -35.23 20.02 -11.81
N MET A 226 -35.80 19.01 -12.46
CA MET A 226 -36.94 18.27 -11.93
C MET A 226 -36.59 17.55 -10.63
N ASP A 227 -35.31 17.22 -10.50
CA ASP A 227 -34.82 16.50 -9.35
C ASP A 227 -34.49 17.45 -8.19
N TYR A 228 -34.57 18.76 -8.45
CA TYR A 228 -34.21 19.80 -7.47
C TYR A 228 -35.34 20.79 -7.26
N PRO A 229 -36.58 20.30 -6.99
CA PRO A 229 -37.72 21.24 -6.84
C PRO A 229 -37.59 22.18 -5.64
N HIS A 230 -36.83 21.77 -4.63
CA HIS A 230 -36.55 22.60 -3.46
C HIS A 230 -35.69 23.84 -3.77
N ASP A 231 -34.93 23.79 -4.87
CA ASP A 231 -34.02 24.89 -5.28
C ASP A 231 -33.70 24.75 -6.80
N PRO A 232 -34.68 25.02 -7.68
CA PRO A 232 -34.57 24.69 -9.11
C PRO A 232 -33.43 25.39 -9.84
N HIS A 233 -32.76 24.64 -10.72
CA HIS A 233 -31.87 25.22 -11.72
C HIS A 233 -32.45 24.95 -13.11
N HIS A 234 -32.11 25.79 -14.08
CA HIS A 234 -32.84 25.83 -15.36
C HIS A 234 -31.99 25.52 -16.58
N VAL A 235 -30.68 25.45 -16.38
N VAL A 235 -30.68 25.42 -16.38
CA VAL A 235 -29.76 24.88 -17.34
CA VAL A 235 -29.78 24.86 -17.37
C VAL A 235 -29.05 23.74 -16.60
C VAL A 235 -28.97 23.78 -16.67
N PHE A 236 -28.91 22.60 -17.27
CA PHE A 236 -28.49 21.39 -16.58
C PHE A 236 -27.02 21.02 -16.84
N VAL A 237 -26.48 20.19 -15.95
CA VAL A 237 -25.13 19.65 -16.15
C VAL A 237 -25.01 19.12 -17.59
N SER A 238 -26.00 18.33 -18.04
CA SER A 238 -25.97 17.73 -19.37
C SER A 238 -25.89 18.74 -20.51
N ASP A 239 -26.38 19.97 -20.26
CA ASP A 239 -26.29 21.05 -21.26
C ASP A 239 -24.86 21.52 -21.49
N PHE A 240 -23.94 21.09 -20.62
CA PHE A 240 -22.53 21.46 -20.72
C PHE A 240 -21.62 20.24 -20.84
N VAL A 241 -22.23 19.09 -21.13
CA VAL A 241 -21.52 17.83 -21.28
C VAL A 241 -21.63 17.37 -22.74
N ASP A 242 -20.52 16.94 -23.32
CA ASP A 242 -20.54 16.49 -24.72
C ASP A 242 -21.04 15.05 -24.89
N PHE A 243 -20.63 14.17 -23.99
CA PHE A 243 -20.91 12.76 -24.16
C PHE A 243 -21.12 12.19 -22.75
N SER A 244 -22.22 11.48 -22.53
CA SER A 244 -22.49 10.90 -21.22
C SER A 244 -22.55 9.38 -21.25
N ILE A 245 -22.02 8.77 -20.19
CA ILE A 245 -22.06 7.32 -20.03
C ILE A 245 -22.83 7.01 -18.76
N TYR A 246 -23.74 6.04 -18.83
CA TYR A 246 -24.42 5.53 -17.64
C TYR A 246 -23.98 4.09 -17.45
N VAL A 247 -23.30 3.84 -16.35
CA VAL A 247 -22.89 2.49 -16.01
C VAL A 247 -24.03 1.83 -15.24
N ASP A 248 -24.50 0.71 -15.76
CA ASP A 248 -25.69 0.04 -15.28
C ASP A 248 -25.38 -1.36 -14.76
N ALA A 249 -26.17 -1.84 -13.80
CA ALA A 249 -26.08 -3.23 -13.36
C ALA A 249 -27.34 -3.57 -12.57
N PRO A 250 -27.77 -4.85 -12.54
CA PRO A 250 -28.93 -5.21 -11.72
C PRO A 250 -28.71 -4.93 -10.24
N GLU A 251 -29.79 -4.70 -9.50
N GLU A 251 -29.81 -4.70 -9.52
CA GLU A 251 -29.70 -4.20 -8.14
CA GLU A 251 -29.77 -4.26 -8.13
C GLU A 251 -29.13 -5.23 -7.17
C GLU A 251 -28.98 -5.24 -7.25
N GLU A 252 -29.19 -6.51 -7.53
N GLU A 252 -29.18 -6.53 -7.45
CA GLU A 252 -28.57 -7.51 -6.65
CA GLU A 252 -28.52 -7.53 -6.59
C GLU A 252 -27.04 -7.49 -6.72
C GLU A 252 -27.00 -7.48 -6.71
N LEU A 253 -26.48 -7.17 -7.90
CA LEU A 253 -25.04 -7.04 -8.08
C LEU A 253 -24.54 -5.75 -7.41
N LEU A 254 -25.30 -4.67 -7.59
CA LEU A 254 -24.96 -3.40 -6.97
C LEU A 254 -24.84 -3.55 -5.45
N LYS A 255 -25.78 -4.29 -4.87
CA LYS A 255 -25.82 -4.48 -3.44
C LYS A 255 -24.58 -5.24 -2.98
N SER A 256 -24.26 -6.31 -3.70
CA SER A 256 -23.10 -7.12 -3.36
C SER A 256 -21.78 -6.33 -3.55
N TRP A 257 -21.70 -5.47 -4.55
CA TRP A 257 -20.52 -4.63 -4.75
C TRP A 257 -20.43 -3.52 -3.69
N TYR A 258 -21.59 -2.97 -3.33
CA TYR A 258 -21.69 -2.03 -2.21
C TYR A 258 -21.17 -2.63 -0.90
N ILE A 259 -21.65 -3.83 -0.55
CA ILE A 259 -21.26 -4.49 0.70
C ILE A 259 -19.76 -4.80 0.68
N ASN A 260 -19.26 -5.35 -0.44
CA ASN A 260 -17.85 -5.64 -0.60
C ASN A 260 -16.97 -4.41 -0.36
N ARG A 261 -17.34 -3.29 -0.95
CA ARG A 261 -16.61 -2.04 -0.74
C ARG A 261 -16.65 -1.61 0.73
N PHE A 262 -17.86 -1.61 1.30
CA PHE A 262 -18.06 -1.23 2.69
C PHE A 262 -17.05 -2.00 3.54
N LEU A 263 -16.97 -3.31 3.33
CA LEU A 263 -16.07 -4.16 4.11
C LEU A 263 -14.60 -3.80 3.84
N LYS A 264 -14.27 -3.43 2.60
CA LYS A 264 -12.91 -2.98 2.29
C LYS A 264 -12.57 -1.66 2.98
N PHE A 265 -13.53 -0.74 3.04
CA PHE A 265 -13.34 0.54 3.75
C PHE A 265 -13.18 0.27 5.25
N ARG A 266 -13.96 -0.66 5.78
CA ARG A 266 -13.83 -1.02 7.20
C ARG A 266 -12.41 -1.55 7.48
N GLU A 267 -11.96 -2.52 6.68
CA GLU A 267 -10.60 -3.07 6.85
C GLU A 267 -9.51 -2.00 6.75
N GLY A 268 -9.63 -1.12 5.76
CA GLY A 268 -8.65 -0.04 5.53
C GLY A 268 -8.57 0.97 6.67
N ALA A 269 -9.60 1.00 7.52
CA ALA A 269 -9.65 1.92 8.66
C ALA A 269 -9.27 1.32 10.02
N PHE A 270 -8.96 0.02 10.06
CA PHE A 270 -8.60 -0.66 11.32
C PHE A 270 -7.61 0.11 12.20
N THR A 271 -6.58 0.69 11.56
CA THR A 271 -5.52 1.34 12.31
C THR A 271 -5.53 2.87 12.16
N ASP A 272 -6.66 3.43 11.75
CA ASP A 272 -6.78 4.88 11.72
C ASP A 272 -7.96 5.35 12.58
N PRO A 273 -7.70 5.56 13.90
CA PRO A 273 -8.76 5.94 14.85
C PRO A 273 -9.51 7.21 14.48
N ASP A 274 -8.87 8.07 13.69
CA ASP A 274 -9.49 9.33 13.29
C ASP A 274 -10.32 9.19 12.01
N SER A 275 -10.40 7.98 11.45
CA SER A 275 -11.10 7.73 10.18
C SER A 275 -12.57 7.47 10.45
N TYR A 276 -13.43 7.95 9.56
CA TYR A 276 -14.87 7.73 9.70
C TYR A 276 -15.19 6.24 9.75
N PHE A 277 -14.55 5.44 8.91
CA PHE A 277 -14.87 4.00 8.89
C PHE A 277 -14.30 3.19 10.04
N HIS A 278 -13.43 3.83 10.84
CA HIS A 278 -12.94 3.21 12.08
C HIS A 278 -14.11 2.92 13.03
N ASN A 279 -15.18 3.72 12.93
CA ASN A 279 -16.40 3.44 13.71
C ASN A 279 -16.95 2.04 13.45
N TYR A 280 -16.78 1.55 12.22
CA TYR A 280 -17.28 0.22 11.87
C TYR A 280 -16.34 -0.92 12.23
N ALA A 281 -15.09 -0.58 12.58
CA ALA A 281 -14.11 -1.56 13.05
C ALA A 281 -14.55 -2.23 14.36
N LYS A 282 -15.32 -1.49 15.16
CA LYS A 282 -15.84 -1.98 16.46
C LYS A 282 -16.91 -3.06 16.30
N LEU A 283 -17.54 -3.13 15.13
CA LEU A 283 -18.51 -4.18 14.86
C LEU A 283 -17.83 -5.45 14.36
N SER A 284 -18.43 -6.60 14.65
CA SER A 284 -18.00 -7.86 14.02
C SER A 284 -18.21 -7.72 12.52
N LYS A 285 -17.52 -8.54 11.74
CA LYS A 285 -17.69 -8.51 10.28
C LYS A 285 -19.15 -8.81 9.96
N GLU A 286 -19.76 -9.72 10.73
CA GLU A 286 -21.15 -10.11 10.52
C GLU A 286 -22.12 -8.95 10.76
N GLU A 287 -21.94 -8.21 11.83
CA GLU A 287 -22.80 -7.05 12.08
C GLU A 287 -22.49 -5.93 11.08
N ALA A 288 -21.24 -5.82 10.67
CA ALA A 288 -20.86 -4.86 9.62
C ALA A 288 -21.62 -5.12 8.31
N VAL A 289 -21.74 -6.38 7.92
CA VAL A 289 -22.55 -6.77 6.76
C VAL A 289 -24.02 -6.37 6.96
N ASP A 290 -24.57 -6.66 8.14
N ASP A 290 -24.56 -6.64 8.16
CA ASP A 290 -25.95 -6.30 8.45
CA ASP A 290 -25.95 -6.27 8.48
C ASP A 290 -26.19 -4.79 8.29
C ASP A 290 -26.21 -4.76 8.36
N ILE A 291 -25.29 -3.99 8.87
N ILE A 291 -25.28 -3.94 8.87
CA ILE A 291 -25.42 -2.54 8.80
CA ILE A 291 -25.42 -2.49 8.80
C ILE A 291 -25.27 -2.00 7.37
C ILE A 291 -25.25 -1.96 7.38
N ALA A 292 -24.30 -2.53 6.62
CA ALA A 292 -24.08 -2.15 5.21
C ALA A 292 -25.33 -2.50 4.39
N THR A 293 -25.91 -3.67 4.68
CA THR A 293 -27.13 -4.12 4.00
C THR A 293 -28.27 -3.15 4.29
N SER A 294 -28.39 -2.71 5.54
CA SER A 294 -29.39 -1.69 5.89
C SER A 294 -29.17 -0.33 5.23
N LEU A 295 -27.92 0.12 5.19
CA LEU A 295 -27.57 1.37 4.52
C LEU A 295 -27.88 1.28 3.04
N TRP A 296 -27.62 0.12 2.42
CA TRP A 296 -28.00 -0.08 1.03
C TRP A 296 -29.51 0.05 0.85
N ASN A 297 -30.27 -0.72 1.63
CA ASN A 297 -31.72 -0.77 1.45
C ASN A 297 -32.43 0.56 1.70
N GLU A 298 -32.01 1.26 2.75
CA GLU A 298 -32.70 2.46 3.21
C GLU A 298 -32.23 3.76 2.54
N ILE A 299 -30.96 3.81 2.15
CA ILE A 299 -30.40 5.03 1.56
C ILE A 299 -30.11 4.86 0.07
N ASN A 300 -29.17 3.97 -0.25
CA ASN A 300 -28.64 3.91 -1.61
C ASN A 300 -29.59 3.31 -2.64
N LEU A 301 -30.32 2.27 -2.27
CA LEU A 301 -31.30 1.67 -3.16
C LEU A 301 -32.45 2.64 -3.39
N MET A 302 -32.89 3.33 -2.33
CA MET A 302 -33.91 4.38 -2.49
C MET A 302 -33.44 5.45 -3.49
N ASN A 303 -32.20 5.89 -3.33
CA ASN A 303 -31.61 6.93 -4.16
C ASN A 303 -31.52 6.47 -5.61
N LEU A 304 -31.13 5.23 -5.80
CA LEU A 304 -31.10 4.61 -7.12
C LEU A 304 -32.48 4.67 -7.78
N LYS A 305 -33.49 4.13 -7.10
CA LYS A 305 -34.84 3.99 -7.66
C LYS A 305 -35.51 5.33 -7.93
N GLU A 306 -35.33 6.25 -6.98
CA GLU A 306 -36.03 7.53 -7.06
C GLU A 306 -35.32 8.58 -7.90
N ASN A 307 -33.98 8.56 -7.94
CA ASN A 307 -33.22 9.71 -8.46
C ASN A 307 -32.19 9.38 -9.52
N ILE A 308 -31.63 8.18 -9.49
CA ILE A 308 -30.51 7.87 -10.39
C ILE A 308 -30.97 7.09 -11.61
N LEU A 309 -31.60 5.93 -11.39
CA LEU A 309 -32.06 5.07 -12.48
C LEU A 309 -33.01 5.77 -13.49
N PRO A 310 -33.91 6.66 -13.01
CA PRO A 310 -34.75 7.33 -14.02
C PRO A 310 -33.98 8.19 -15.03
N THR A 311 -32.74 8.55 -14.75
CA THR A 311 -31.93 9.38 -15.67
C THR A 311 -31.16 8.55 -16.72
N ARG A 312 -31.20 7.22 -16.62
CA ARG A 312 -30.44 6.32 -17.48
C ARG A 312 -30.56 6.59 -19.00
N GLU A 313 -31.80 6.80 -19.48
CA GLU A 313 -32.07 6.95 -20.91
C GLU A 313 -31.73 8.36 -21.43
N ARG A 314 -31.19 9.19 -20.54
CA ARG A 314 -30.57 10.46 -20.97
C ARG A 314 -29.11 10.32 -21.43
N ALA A 315 -28.50 9.15 -21.20
CA ALA A 315 -27.06 8.96 -21.53
C ALA A 315 -26.82 8.77 -23.01
N SER A 316 -25.65 9.24 -23.49
CA SER A 316 -25.20 8.91 -24.85
C SER A 316 -24.97 7.41 -24.97
N LEU A 317 -24.46 6.81 -23.89
CA LEU A 317 -24.07 5.41 -23.94
C LEU A 317 -24.41 4.75 -22.61
N ILE A 318 -25.01 3.57 -22.67
CA ILE A 318 -25.29 2.78 -21.47
C ILE A 318 -24.41 1.54 -21.49
N MET A 319 -23.59 1.39 -20.46
CA MET A 319 -22.68 0.25 -20.34
C MET A 319 -23.17 -0.65 -19.18
N THR A 320 -23.57 -1.87 -19.51
CA THR A 320 -24.22 -2.78 -18.56
C THR A 320 -23.27 -3.88 -18.07
N LYS A 321 -23.18 -4.02 -16.76
CA LYS A 321 -22.25 -4.99 -16.17
C LYS A 321 -22.98 -6.21 -15.61
N SER A 322 -22.29 -7.34 -15.55
CA SER A 322 -22.83 -8.54 -14.96
C SER A 322 -21.85 -9.03 -13.86
N ALA A 323 -21.97 -10.28 -13.44
CA ALA A 323 -21.14 -10.84 -12.38
C ALA A 323 -19.65 -10.57 -12.64
N ASN A 324 -18.90 -10.31 -11.58
CA ASN A 324 -17.46 -10.06 -11.67
C ASN A 324 -17.10 -8.78 -12.42
N HIS A 325 -18.10 -7.92 -12.59
CA HIS A 325 -17.98 -6.63 -13.26
C HIS A 325 -17.79 -6.73 -14.79
N SER A 326 -18.00 -7.91 -15.35
CA SER A 326 -17.89 -8.12 -16.82
C SER A 326 -18.97 -7.36 -17.58
N VAL A 327 -18.58 -6.52 -18.53
CA VAL A 327 -19.57 -5.81 -19.37
C VAL A 327 -20.27 -6.83 -20.27
N ASN A 328 -21.60 -6.82 -20.28
CA ASN A 328 -22.33 -7.76 -21.14
C ASN A 328 -23.18 -7.07 -22.20
N GLN A 329 -23.29 -5.74 -22.13
CA GLN A 329 -24.06 -5.01 -23.13
C GLN A 329 -23.57 -3.57 -23.20
N VAL A 330 -23.50 -3.04 -24.43
CA VAL A 330 -23.24 -1.61 -24.65
C VAL A 330 -24.33 -1.09 -25.59
N ARG A 331 -24.94 0.02 -25.17
CA ARG A 331 -25.95 0.72 -25.99
C ARG A 331 -25.47 2.12 -26.29
N LEU A 332 -25.51 2.51 -27.56
CA LEU A 332 -25.01 3.82 -28.02
C LEU A 332 -26.12 4.51 -28.79
N ARG A 333 -26.37 5.79 -28.48
CA ARG A 333 -27.45 6.53 -29.13
C ARG A 333 -27.20 6.55 -30.64
N LYS A 334 -28.25 6.24 -31.40
CA LYS A 334 -28.26 6.43 -32.85
C LYS A 334 -28.59 7.88 -33.01
N MET B 27 28.70 -30.79 -5.06
CA MET B 27 29.43 -29.95 -4.06
C MET B 27 28.94 -28.50 -4.08
N THR B 28 28.81 -27.90 -2.90
CA THR B 28 28.39 -26.51 -2.78
C THR B 28 29.45 -25.72 -2.00
N PRO B 29 29.33 -24.37 -1.95
CA PRO B 29 30.25 -23.55 -1.17
C PRO B 29 30.11 -23.73 0.36
N TYR B 30 29.21 -24.60 0.81
CA TYR B 30 28.88 -24.71 2.26
C TYR B 30 29.17 -26.07 2.83
N LEU B 31 29.84 -26.10 3.99
CA LEU B 31 29.83 -27.30 4.82
C LEU B 31 28.41 -27.48 5.39
N GLN B 32 27.93 -28.72 5.46
CA GLN B 32 26.58 -29.02 5.95
C GLN B 32 26.60 -29.89 7.21
N PHE B 33 25.85 -29.45 8.22
CA PHE B 33 25.74 -30.15 9.49
C PHE B 33 24.27 -30.35 9.79
N ASN B 34 23.87 -31.59 10.01
CA ASN B 34 22.56 -31.83 10.60
C ASN B 34 22.58 -31.46 12.08
N ARG B 35 21.42 -31.48 12.74
CA ARG B 35 21.34 -31.07 14.14
C ARG B 35 22.28 -31.88 15.04
N HIS B 36 22.34 -33.19 14.82
CA HIS B 36 23.14 -34.09 15.64
C HIS B 36 24.63 -33.84 15.47
N GLN B 37 25.06 -33.60 14.23
CA GLN B 37 26.46 -33.26 13.95
C GLN B 37 26.83 -31.92 14.58
N TRP B 38 25.91 -30.94 14.52
CA TRP B 38 26.15 -29.64 15.11
C TRP B 38 26.23 -29.72 16.64
N ALA B 39 25.30 -30.45 17.26
CA ALA B 39 25.29 -30.61 18.73
C ALA B 39 26.53 -31.39 19.23
N ALA B 40 27.03 -32.31 18.40
CA ALA B 40 28.20 -33.12 18.74
C ALA B 40 29.48 -32.30 18.85
N LEU B 41 29.42 -31.04 18.42
CA LEU B 41 30.56 -30.13 18.51
C LEU B 41 30.98 -29.74 19.93
N ARG B 42 30.12 -29.94 20.92
CA ARG B 42 30.48 -29.54 22.30
C ARG B 42 31.20 -30.61 23.12
N THR B 50 26.12 -20.81 34.08
CA THR B 50 25.85 -20.19 35.38
C THR B 50 24.33 -19.97 35.60
N GLU B 51 23.94 -19.60 36.82
CA GLU B 51 22.53 -19.33 37.15
C GLU B 51 22.06 -17.99 36.59
N ASP B 52 22.92 -17.00 36.65
CA ASP B 52 22.63 -15.69 36.11
C ASP B 52 22.64 -15.69 34.58
N GLU B 53 23.29 -16.68 33.99
CA GLU B 53 23.27 -16.89 32.54
C GLU B 53 21.90 -17.37 32.12
N ILE B 54 21.37 -18.34 32.88
CA ILE B 54 20.08 -18.96 32.61
C ILE B 54 18.95 -17.95 32.77
N THR B 55 19.02 -17.13 33.83
CA THR B 55 18.04 -16.07 34.06
C THR B 55 17.99 -15.09 32.88
N ARG B 56 19.16 -14.68 32.39
CA ARG B 56 19.24 -13.74 31.27
C ARG B 56 18.63 -14.32 30.00
N LEU B 57 18.93 -15.60 29.75
CA LEU B 57 18.43 -16.29 28.55
C LEU B 57 16.91 -16.48 28.62
N LYS B 58 16.40 -16.81 29.80
CA LYS B 58 14.97 -16.90 29.97
C LYS B 58 14.32 -15.52 29.92
N GLY B 59 15.09 -14.49 30.26
CA GLY B 59 14.66 -13.09 30.14
C GLY B 59 14.46 -12.68 28.69
N ILE B 60 15.27 -13.26 27.80
CA ILE B 60 15.18 -12.97 26.37
C ILE B 60 13.88 -13.51 25.76
N ASN B 61 13.53 -14.75 26.11
CA ASN B 61 12.33 -15.37 25.53
C ASN B 61 11.92 -16.59 26.35
N GLU B 62 10.72 -16.53 26.91
CA GLU B 62 10.20 -17.61 27.76
C GLU B 62 10.01 -18.92 27.00
N ASP B 63 9.86 -18.84 25.68
CA ASP B 63 9.69 -20.03 24.84
C ASP B 63 11.04 -20.62 24.41
N LEU B 64 12.13 -19.89 24.67
CA LEU B 64 13.47 -20.38 24.29
C LEU B 64 13.84 -21.60 25.11
N SER B 65 14.13 -22.69 24.42
CA SER B 65 14.48 -23.95 25.08
C SER B 65 15.96 -23.90 25.50
N LEU B 66 16.24 -24.24 26.76
CA LEU B 66 17.63 -24.22 27.23
C LEU B 66 18.44 -25.37 26.61
N GLU B 67 17.75 -26.46 26.28
CA GLU B 67 18.32 -27.56 25.52
C GLU B 67 18.81 -27.08 24.14
N GLU B 68 17.97 -26.28 23.47
CA GLU B 68 18.33 -25.63 22.22
C GLU B 68 19.53 -24.70 22.37
N VAL B 69 19.59 -23.94 23.47
CA VAL B 69 20.75 -23.07 23.73
C VAL B 69 22.03 -23.90 23.83
N ALA B 70 21.94 -24.95 24.62
CA ALA B 70 23.08 -25.84 24.88
C ALA B 70 23.58 -26.54 23.62
N GLU B 71 22.63 -27.03 22.81
CA GLU B 71 22.92 -27.88 21.65
C GLU B 71 23.25 -27.12 20.38
N ILE B 72 22.69 -25.90 20.25
CA ILE B 72 22.82 -25.14 19.03
C ILE B 72 23.61 -23.84 19.23
N TYR B 73 23.18 -23.01 20.17
CA TYR B 73 23.71 -21.66 20.26
C TYR B 73 25.04 -21.58 20.97
N LEU B 74 25.28 -22.51 21.89
CA LEU B 74 26.59 -22.55 22.52
C LEU B 74 27.67 -22.89 21.48
N PRO B 75 27.49 -23.98 20.68
CA PRO B 75 28.48 -24.25 19.61
C PRO B 75 28.60 -23.10 18.62
N LEU B 76 27.49 -22.44 18.30
CA LEU B 76 27.55 -21.29 17.39
C LEU B 76 28.38 -20.12 17.96
N SER B 77 28.24 -19.85 19.26
CA SER B 77 29.02 -18.79 19.90
C SER B 77 30.52 -19.17 19.90
N ARG B 78 30.81 -20.45 20.09
CA ARG B 78 32.20 -20.95 20.05
C ARG B 78 32.76 -20.77 18.64
N LEU B 79 31.96 -21.14 17.65
CA LEU B 79 32.36 -20.96 16.24
C LEU B 79 32.69 -19.49 15.96
N LEU B 80 31.79 -18.59 16.35
CA LEU B 80 32.02 -17.16 16.15
C LEU B 80 33.27 -16.67 16.85
N ASN B 81 33.49 -17.15 18.09
CA ASN B 81 34.69 -16.78 18.83
C ASN B 81 35.97 -17.19 18.09
N PHE B 82 35.97 -18.35 17.45
CA PHE B 82 37.14 -18.75 16.63
C PHE B 82 37.40 -17.75 15.50
N TYR B 83 36.33 -17.33 14.82
CA TYR B 83 36.48 -16.31 13.76
C TYR B 83 36.96 -14.97 14.32
N ILE B 84 36.35 -14.52 15.42
CA ILE B 84 36.74 -13.26 16.03
C ILE B 84 38.19 -13.29 16.51
N SER B 85 38.56 -14.39 17.19
N SER B 85 38.55 -14.39 17.20
CA SER B 85 39.92 -14.56 17.73
CA SER B 85 39.91 -14.60 17.73
C SER B 85 40.95 -14.55 16.62
C SER B 85 40.95 -14.56 16.62
N SER B 86 40.68 -15.32 15.55
CA SER B 86 41.56 -15.32 14.37
C SER B 86 41.78 -13.91 13.84
N ASN B 87 40.71 -13.13 13.76
CA ASN B 87 40.78 -11.73 13.33
C ASN B 87 41.63 -10.87 14.27
N LEU B 88 41.46 -11.04 15.58
CA LEU B 88 42.27 -10.31 16.56
C LEU B 88 43.76 -10.68 16.44
N ARG B 89 44.05 -11.96 16.29
CA ARG B 89 45.42 -12.41 16.09
C ARG B 89 46.03 -11.75 14.84
N ARG B 90 45.33 -11.87 13.72
CA ARG B 90 45.76 -11.26 12.46
C ARG B 90 46.03 -9.77 12.66
N GLN B 91 45.16 -9.07 13.40
CA GLN B 91 45.34 -7.64 13.60
C GLN B 91 46.67 -7.35 14.31
N ALA B 92 47.03 -8.16 15.30
CA ALA B 92 48.34 -7.98 15.98
C ALA B 92 49.52 -8.24 15.03
N VAL B 93 49.43 -9.30 14.24
CA VAL B 93 50.47 -9.60 13.24
C VAL B 93 50.63 -8.43 12.26
N LEU B 94 49.51 -7.91 11.75
CA LEU B 94 49.56 -6.79 10.81
C LEU B 94 49.98 -5.49 11.48
N GLU B 95 49.56 -5.27 12.73
CA GLU B 95 49.98 -4.08 13.42
C GLU B 95 51.50 -4.03 13.57
N GLN B 96 52.10 -5.18 13.86
CA GLN B 96 53.57 -5.28 13.91
C GLN B 96 54.23 -5.01 12.54
N PHE B 97 53.70 -5.64 11.49
CA PHE B 97 54.24 -5.45 10.13
C PHE B 97 54.06 -4.01 9.65
N LEU B 98 52.84 -3.47 9.81
CA LEU B 98 52.50 -2.16 9.24
C LEU B 98 52.99 -0.99 10.04
N GLY B 99 53.34 -1.25 11.31
CA GLY B 99 53.87 -0.21 12.19
C GLY B 99 52.82 0.77 12.65
N THR B 100 51.57 0.34 12.70
CA THR B 100 50.48 1.23 13.10
C THR B 100 50.34 1.29 14.62
N ASN B 101 49.73 2.36 15.09
CA ASN B 101 49.19 2.41 16.44
C ASN B 101 47.69 2.18 16.26
N GLY B 102 47.35 0.93 15.96
CA GLY B 102 46.05 0.56 15.44
C GLY B 102 44.87 0.97 16.30
N GLN B 103 43.88 1.58 15.66
CA GLN B 103 42.63 1.89 16.33
C GLN B 103 41.87 0.59 16.51
N ARG B 104 41.09 0.51 17.58
CA ARG B 104 40.17 -0.59 17.80
C ARG B 104 39.08 -0.53 16.75
N ILE B 105 38.92 -1.61 15.99
CA ILE B 105 37.83 -1.69 15.01
C ILE B 105 36.89 -2.84 15.41
N PRO B 106 35.58 -2.53 15.56
CA PRO B 106 34.66 -3.60 15.98
C PRO B 106 34.56 -4.73 14.98
N TYR B 107 34.43 -5.94 15.46
CA TYR B 107 34.09 -7.08 14.66
C TYR B 107 32.57 -7.04 14.50
N ILE B 108 32.08 -7.10 13.27
CA ILE B 108 30.64 -6.94 13.04
C ILE B 108 30.03 -8.24 12.53
N ILE B 109 28.98 -8.69 13.19
CA ILE B 109 28.23 -9.88 12.80
C ILE B 109 26.85 -9.37 12.40
N SER B 110 26.36 -9.78 11.23
CA SER B 110 25.04 -9.37 10.79
C SER B 110 24.14 -10.60 10.81
N ILE B 111 22.84 -10.37 11.00
CA ILE B 111 21.87 -11.45 11.07
C ILE B 111 20.64 -11.10 10.21
N ALA B 112 20.40 -11.93 9.19
CA ALA B 112 19.36 -11.68 8.18
C ALA B 112 18.27 -12.73 8.18
N GLY B 113 17.17 -12.44 7.49
CA GLY B 113 16.11 -13.42 7.32
C GLY B 113 14.74 -12.79 7.35
N SER B 114 13.73 -13.61 7.11
CA SER B 114 12.33 -13.19 7.10
C SER B 114 11.92 -12.48 8.40
N VAL B 115 10.95 -11.58 8.27
CA VAL B 115 10.18 -11.13 9.41
C VAL B 115 9.69 -12.41 10.12
N ALA B 116 9.80 -12.39 11.46
CA ALA B 116 9.31 -13.49 12.32
C ALA B 116 10.08 -14.82 12.27
N VAL B 117 11.26 -14.84 11.66
CA VAL B 117 12.06 -16.07 11.65
C VAL B 117 12.80 -16.25 12.99
N GLY B 118 13.07 -15.15 13.68
CA GLY B 118 13.79 -15.21 14.95
C GLY B 118 15.13 -14.50 14.94
N LYS B 119 15.28 -13.50 14.07
CA LYS B 119 16.54 -12.75 14.01
C LYS B 119 16.85 -12.10 15.37
N SER B 120 15.88 -11.42 15.96
CA SER B 120 16.07 -10.71 17.25
C SER B 120 16.42 -11.65 18.39
N THR B 121 15.69 -12.75 18.50
CA THR B 121 15.98 -13.77 19.49
C THR B 121 17.41 -14.32 19.31
N THR B 122 17.75 -14.70 18.08
CA THR B 122 19.11 -15.19 17.80
C THR B 122 20.14 -14.14 18.20
N ALA B 123 19.92 -12.89 17.82
CA ALA B 123 20.90 -11.84 18.10
C ALA B 123 21.11 -11.65 19.60
N ARG B 124 20.00 -11.64 20.34
CA ARG B 124 20.09 -11.45 21.79
C ARG B 124 20.77 -12.61 22.50
N VAL B 125 20.47 -13.83 22.05
CA VAL B 125 21.12 -15.03 22.61
C VAL B 125 22.62 -14.98 22.31
N LEU B 126 22.98 -14.63 21.07
CA LEU B 126 24.40 -14.52 20.74
C LEU B 126 25.12 -13.41 21.48
N GLN B 127 24.45 -12.27 21.68
CA GLN B 127 25.02 -11.18 22.48
C GLN B 127 25.35 -11.66 23.91
N ALA B 128 24.41 -12.38 24.52
CA ALA B 128 24.59 -12.96 25.85
C ALA B 128 25.75 -13.95 25.90
N LEU B 129 25.82 -14.85 24.92
CA LEU B 129 26.85 -15.90 24.94
C LEU B 129 28.26 -15.38 24.60
N LEU B 130 28.35 -14.45 23.64
CA LEU B 130 29.64 -13.86 23.25
C LEU B 130 30.29 -13.02 24.37
N SER B 131 29.44 -12.42 25.22
CA SER B 131 29.85 -11.68 26.43
C SER B 131 30.72 -12.49 27.40
N ARG B 132 30.62 -13.81 27.34
CA ARG B 132 31.29 -14.70 28.30
C ARG B 132 32.81 -14.71 28.20
N TRP B 133 33.33 -14.34 27.03
CA TRP B 133 34.76 -14.31 26.77
C TRP B 133 35.33 -13.00 27.25
N PRO B 134 36.41 -13.05 28.04
CA PRO B 134 37.07 -11.82 28.50
C PRO B 134 37.51 -10.90 27.35
N GLU B 135 37.91 -11.50 26.24
CA GLU B 135 38.48 -10.75 25.13
C GLU B 135 37.50 -9.81 24.45
N HIS B 136 36.21 -10.17 24.42
CA HIS B 136 35.26 -9.36 23.71
C HIS B 136 33.97 -9.27 24.48
N ARG B 137 34.03 -8.46 25.54
CA ARG B 137 32.99 -8.34 26.55
C ARG B 137 31.98 -7.27 26.23
N HIS B 138 32.36 -6.30 25.39
CA HIS B 138 31.45 -5.21 25.02
C HIS B 138 30.84 -5.52 23.65
N VAL B 139 29.60 -6.04 23.71
CA VAL B 139 28.88 -6.55 22.56
C VAL B 139 27.62 -5.73 22.41
N GLU B 140 27.58 -4.91 21.35
CA GLU B 140 26.42 -4.08 21.07
C GLU B 140 25.50 -4.78 20.08
N LEU B 141 24.22 -4.51 20.20
CA LEU B 141 23.22 -5.03 19.27
C LEU B 141 22.41 -3.85 18.70
N ILE B 142 22.33 -3.79 17.37
CA ILE B 142 21.63 -2.72 16.64
C ILE B 142 20.69 -3.39 15.62
N THR B 143 19.42 -2.97 15.63
CA THR B 143 18.44 -3.49 14.68
C THR B 143 18.30 -2.50 13.53
N THR B 144 18.22 -2.99 12.29
CA THR B 144 18.08 -2.06 11.17
C THR B 144 16.69 -1.41 11.03
N ASP B 145 15.70 -1.88 11.78
N ASP B 145 15.72 -1.91 11.80
CA ASP B 145 14.38 -1.25 11.65
CA ASP B 145 14.38 -1.31 11.83
C ASP B 145 14.41 0.21 12.11
C ASP B 145 14.48 0.20 12.04
N GLY B 146 15.41 0.61 12.89
CA GLY B 146 15.60 2.03 13.24
C GLY B 146 15.84 2.92 12.02
N PHE B 147 16.40 2.34 10.97
CA PHE B 147 16.83 3.06 9.78
C PHE B 147 15.70 3.14 8.74
N LEU B 148 14.51 2.67 9.09
CA LEU B 148 13.31 2.97 8.27
C LEU B 148 13.11 4.47 8.22
N HIS B 149 12.58 4.96 7.10
CA HIS B 149 12.13 6.34 7.01
C HIS B 149 11.00 6.48 8.02
N PRO B 150 10.89 7.66 8.68
CA PRO B 150 9.75 7.93 9.57
C PRO B 150 8.42 7.86 8.82
N ASN B 151 7.33 7.69 9.55
CA ASN B 151 6.00 7.61 8.94
C ASN B 151 5.66 8.82 8.06
N SER B 152 6.09 10.00 8.50
CA SER B 152 5.83 11.24 7.77
C SER B 152 6.42 11.18 6.36
N VAL B 153 7.64 10.63 6.26
CA VAL B 153 8.31 10.43 4.97
C VAL B 153 7.63 9.31 4.15
N LEU B 154 7.39 8.16 4.76
CA LEU B 154 6.75 7.03 4.08
C LEU B 154 5.40 7.43 3.48
N LYS B 155 4.60 8.15 4.27
CA LYS B 155 3.26 8.57 3.82
C LYS B 155 3.36 9.52 2.63
N GLU B 156 4.31 10.47 2.68
CA GLU B 156 4.60 11.34 1.55
C GLU B 156 4.90 10.55 0.29
N ARG B 157 5.56 9.40 0.45
CA ARG B 157 6.03 8.59 -0.66
C ARG B 157 5.09 7.44 -1.03
N GLY B 158 4.02 7.30 -0.24
CA GLY B 158 3.01 6.28 -0.48
C GLY B 158 3.50 4.90 -0.09
N LEU B 159 4.35 4.85 0.93
CA LEU B 159 5.02 3.61 1.30
C LEU B 159 4.63 3.06 2.67
N MET B 160 3.51 3.52 3.22
CA MET B 160 3.09 3.07 4.54
C MET B 160 2.81 1.57 4.61
N LYS B 161 2.42 0.97 3.49
CA LYS B 161 2.15 -0.47 3.45
C LYS B 161 3.34 -1.26 2.88
N LYS B 162 4.49 -0.59 2.80
CA LYS B 162 5.73 -1.19 2.27
C LYS B 162 6.89 -1.18 3.29
N LYS B 163 6.55 -1.13 4.58
CA LYS B 163 7.60 -1.16 5.61
C LYS B 163 8.38 -2.48 5.54
N GLY B 164 9.70 -2.36 5.59
CA GLY B 164 10.56 -3.53 5.44
C GLY B 164 11.02 -3.78 4.00
N PHE B 165 10.38 -3.12 3.03
CA PHE B 165 10.81 -3.17 1.63
C PHE B 165 11.96 -2.20 1.40
N PRO B 166 12.79 -2.42 0.35
CA PRO B 166 13.94 -1.54 0.18
C PRO B 166 13.62 -0.04 0.17
N GLN B 167 12.56 0.35 -0.54
N GLN B 167 12.56 0.36 -0.52
CA GLN B 167 12.16 1.77 -0.62
CA GLN B 167 12.22 1.78 -0.57
C GLN B 167 11.77 2.39 0.76
C GLN B 167 11.87 2.39 0.80
N SER B 168 11.49 1.54 1.74
CA SER B 168 11.15 2.02 3.10
C SER B 168 12.36 2.37 3.97
N TYR B 169 13.56 1.97 3.54
CA TYR B 169 14.79 2.18 4.34
C TYR B 169 15.60 3.39 3.93
N ASP B 170 16.13 4.11 4.93
CA ASP B 170 17.18 5.10 4.69
C ASP B 170 18.48 4.31 4.60
N MET B 171 18.65 3.63 3.47
CA MET B 171 19.76 2.67 3.29
C MET B 171 21.15 3.34 3.27
N HIS B 172 21.28 4.52 2.65
CA HIS B 172 22.53 5.28 2.74
C HIS B 172 22.96 5.54 4.20
N ARG B 173 22.01 5.84 5.08
CA ARG B 173 22.34 6.08 6.49
C ARG B 173 22.84 4.81 7.20
N LEU B 174 22.21 3.67 6.91
CA LEU B 174 22.65 2.38 7.46
C LEU B 174 24.07 2.03 6.97
N VAL B 175 24.31 2.15 5.67
CA VAL B 175 25.68 1.94 5.15
C VAL B 175 26.71 2.86 5.80
N LYS B 176 26.35 4.15 5.96
N LYS B 176 26.38 4.15 5.95
CA LYS B 176 27.22 5.12 6.62
CA LYS B 176 27.28 5.09 6.62
C LYS B 176 27.51 4.73 8.07
C LYS B 176 27.54 4.69 8.07
N PHE B 177 26.52 4.16 8.75
CA PHE B 177 26.68 3.70 10.14
C PHE B 177 27.76 2.62 10.27
N VAL B 178 27.66 1.54 9.48
CA VAL B 178 28.67 0.47 9.56
C VAL B 178 30.02 0.92 9.01
N SER B 179 29.99 1.79 7.99
CA SER B 179 31.22 2.35 7.44
C SER B 179 31.95 3.20 8.49
N ASP B 180 31.20 3.99 9.25
CA ASP B 180 31.77 4.80 10.31
C ASP B 180 32.41 3.93 11.39
N LEU B 181 31.75 2.84 11.77
CA LEU B 181 32.33 1.90 12.77
C LEU B 181 33.62 1.28 12.20
N LYS B 182 33.58 0.91 10.92
CA LYS B 182 34.74 0.31 10.29
C LYS B 182 35.81 1.34 9.93
N SER B 183 35.57 2.61 10.23
CA SER B 183 36.55 3.69 10.06
C SER B 183 37.21 4.06 11.37
N GLY B 184 36.71 3.45 12.45
CA GLY B 184 37.26 3.68 13.77
C GLY B 184 36.77 4.94 14.44
N VAL B 185 35.63 5.46 14.00
CA VAL B 185 35.04 6.61 14.71
C VAL B 185 34.76 6.23 16.18
N PRO B 186 35.04 7.17 17.12
CA PRO B 186 34.86 6.94 18.55
C PRO B 186 33.41 6.63 18.95
N GLN B 187 32.46 7.28 18.28
CA GLN B 187 31.05 6.95 18.47
C GLN B 187 30.20 7.15 17.22
N ALA B 188 29.19 6.31 17.06
CA ALA B 188 28.25 6.42 15.96
C ALA B 188 26.84 6.34 16.54
N THR B 189 25.90 7.03 15.90
CA THR B 189 24.53 7.10 16.40
C THR B 189 23.58 6.36 15.48
N ALA B 190 22.71 5.52 16.05
CA ALA B 190 21.73 4.79 15.28
C ALA B 190 20.33 5.24 15.68
N PRO B 191 19.44 5.45 14.69
CA PRO B 191 18.05 5.71 15.07
C PRO B 191 17.40 4.43 15.60
N VAL B 192 16.34 4.57 16.40
CA VAL B 192 15.66 3.44 17.03
C VAL B 192 14.17 3.44 16.68
N TYR B 193 13.63 2.24 16.41
CA TYR B 193 12.22 2.06 16.06
C TYR B 193 11.39 1.65 17.28
N SER B 194 10.14 2.07 17.29
CA SER B 194 9.22 1.73 18.37
C SER B 194 8.02 0.95 17.82
N HIS B 195 7.74 -0.22 18.37
CA HIS B 195 6.52 -0.94 18.00
C HIS B 195 5.29 -0.43 18.77
N LEU B 196 5.50 0.39 19.80
CA LEU B 196 4.40 1.05 20.48
C LEU B 196 3.75 2.11 19.60
N ILE B 197 4.58 2.95 18.99
CA ILE B 197 4.09 3.98 18.06
C ILE B 197 4.18 3.54 16.60
N TYR B 198 4.83 2.39 16.33
CA TYR B 198 5.04 1.87 14.95
C TYR B 198 5.67 2.94 14.05
N ASP B 199 6.77 3.50 14.54
CA ASP B 199 7.46 4.62 13.92
C ASP B 199 8.84 4.74 14.54
N VAL B 200 9.72 5.47 13.85
CA VAL B 200 11.00 5.88 14.40
C VAL B 200 10.77 6.79 15.61
N ILE B 201 11.51 6.54 16.70
CA ILE B 201 11.43 7.36 17.91
C ILE B 201 12.05 8.74 17.64
N PRO B 202 11.23 9.81 17.72
CA PRO B 202 11.64 11.16 17.28
C PRO B 202 13.03 11.57 17.76
N ASP B 203 13.31 11.41 19.03
CA ASP B 203 14.61 11.77 19.50
C ASP B 203 15.23 10.67 20.35
N GLY B 204 15.05 9.44 19.92
CA GLY B 204 15.52 8.25 20.63
C GLY B 204 16.77 7.60 20.08
N ASP B 205 17.62 8.38 19.42
CA ASP B 205 18.85 7.86 18.79
C ASP B 205 19.82 7.22 19.79
N LYS B 206 20.32 6.02 19.45
CA LYS B 206 21.23 5.26 20.32
C LYS B 206 22.68 5.53 19.92
N THR B 207 23.53 5.85 20.89
CA THR B 207 24.96 6.07 20.62
C THR B 207 25.79 4.82 20.89
N VAL B 208 26.57 4.41 19.91
CA VAL B 208 27.43 3.23 19.98
C VAL B 208 28.88 3.70 20.04
N ALA B 209 29.61 3.27 21.06
CA ALA B 209 30.97 3.73 21.27
C ALA B 209 31.99 2.61 21.12
N GLN B 210 32.43 2.35 19.91
CA GLN B 210 33.51 1.36 19.66
C GLN B 210 33.42 0.07 20.50
N PRO B 211 32.39 -0.75 20.28
CA PRO B 211 32.30 -2.05 20.97
C PRO B 211 33.34 -3.02 20.44
N ASP B 212 33.58 -4.10 21.17
CA ASP B 212 34.43 -5.18 20.66
C ASP B 212 33.72 -5.87 19.51
N ILE B 213 32.42 -6.09 19.70
CA ILE B 213 31.58 -6.76 18.72
C ILE B 213 30.29 -5.93 18.55
N LEU B 214 29.86 -5.78 17.29
CA LEU B 214 28.51 -5.25 17.03
C LEU B 214 27.75 -6.31 16.26
N ILE B 215 26.57 -6.63 16.76
CA ILE B 215 25.65 -7.52 16.04
C ILE B 215 24.59 -6.62 15.40
N LEU B 216 24.49 -6.73 14.09
CA LEU B 216 23.61 -5.88 13.31
C LEU B 216 22.53 -6.77 12.75
N GLU B 217 21.29 -6.56 13.21
CA GLU B 217 20.22 -7.50 12.94
C GLU B 217 19.11 -6.84 12.10
N GLY B 218 18.69 -7.48 11.02
CA GLY B 218 17.63 -6.91 10.19
C GLY B 218 17.43 -7.65 8.87
N LEU B 219 16.26 -7.47 8.27
CA LEU B 219 15.93 -8.31 7.13
C LEU B 219 16.79 -7.97 5.92
N ASN B 220 17.37 -6.76 5.90
CA ASN B 220 18.07 -6.23 4.71
C ASN B 220 19.59 -6.24 4.75
N VAL B 221 20.19 -6.92 5.73
CA VAL B 221 21.65 -6.78 5.93
C VAL B 221 22.51 -7.45 4.85
N LEU B 222 21.92 -8.34 4.06
CA LEU B 222 22.62 -8.95 2.93
C LEU B 222 22.22 -8.33 1.57
N GLN B 223 21.37 -7.32 1.60
CA GLN B 223 20.95 -6.62 0.38
C GLN B 223 22.08 -5.70 -0.11
N SER B 224 21.98 -5.28 -1.36
CA SER B 224 23.03 -4.51 -1.98
C SER B 224 22.41 -3.48 -2.92
N GLY B 225 23.28 -2.77 -3.65
CA GLY B 225 22.83 -1.79 -4.66
C GLY B 225 21.71 -2.26 -5.57
N MET B 226 21.73 -3.53 -5.94
CA MET B 226 20.73 -4.07 -6.89
C MET B 226 19.30 -3.98 -6.37
N ASP B 227 19.17 -3.96 -5.07
CA ASP B 227 17.86 -3.96 -4.42
C ASP B 227 17.35 -2.54 -4.22
N TYR B 228 18.18 -1.54 -4.54
CA TYR B 228 17.87 -0.12 -4.33
C TYR B 228 18.04 0.67 -5.63
N PRO B 229 17.42 0.21 -6.74
CA PRO B 229 17.62 0.90 -8.03
C PRO B 229 17.07 2.32 -8.03
N HIS B 230 16.10 2.60 -7.17
CA HIS B 230 15.51 3.93 -7.02
C HIS B 230 16.49 4.95 -6.40
N ASP B 231 17.50 4.47 -5.67
CA ASP B 231 18.50 5.33 -5.02
C ASP B 231 19.77 4.51 -4.73
N PRO B 232 20.57 4.19 -5.78
CA PRO B 232 21.63 3.17 -5.66
C PRO B 232 22.77 3.55 -4.70
N HIS B 233 23.27 2.54 -3.97
CA HIS B 233 24.50 2.71 -3.23
C HIS B 233 25.51 1.70 -3.79
N HIS B 234 26.80 1.99 -3.62
CA HIS B 234 27.83 1.25 -4.38
C HIS B 234 28.84 0.49 -3.52
N VAL B 235 28.76 0.73 -2.21
CA VAL B 235 29.47 -0.09 -1.21
C VAL B 235 28.38 -0.59 -0.28
N PHE B 236 28.38 -1.88 0.01
CA PHE B 236 27.22 -2.51 0.64
C PHE B 236 27.43 -2.74 2.13
N VAL B 237 26.34 -2.98 2.84
CA VAL B 237 26.41 -3.32 4.27
C VAL B 237 27.42 -4.48 4.45
N SER B 238 27.31 -5.50 3.61
CA SER B 238 28.16 -6.68 3.72
C SER B 238 29.65 -6.37 3.57
N ASP B 239 29.97 -5.26 2.88
CA ASP B 239 31.37 -4.84 2.72
C ASP B 239 31.97 -4.36 4.04
N PHE B 240 31.13 -4.15 5.05
CA PHE B 240 31.56 -3.68 6.37
C PHE B 240 31.18 -4.66 7.48
N VAL B 241 30.79 -5.87 7.08
CA VAL B 241 30.40 -6.93 8.00
C VAL B 241 31.45 -8.04 7.94
N ASP B 242 31.84 -8.57 9.09
CA ASP B 242 32.84 -9.63 9.11
C ASP B 242 32.20 -11.00 8.90
N PHE B 243 31.03 -11.23 9.49
CA PHE B 243 30.45 -12.56 9.48
C PHE B 243 28.94 -12.39 9.41
N SER B 244 28.29 -13.07 8.47
CA SER B 244 26.85 -12.92 8.31
C SER B 244 26.12 -14.24 8.51
N ILE B 245 24.98 -14.17 9.18
CA ILE B 245 24.14 -15.33 9.44
C ILE B 245 22.79 -15.07 8.81
N TYR B 246 22.28 -16.04 8.07
CA TYR B 246 20.90 -15.98 7.56
C TYR B 246 20.09 -17.06 8.26
N VAL B 247 19.06 -16.61 8.99
CA VAL B 247 18.18 -17.54 9.67
C VAL B 247 17.05 -17.88 8.71
N ASP B 248 16.88 -19.17 8.46
CA ASP B 248 16.02 -19.69 7.42
C ASP B 248 14.92 -20.58 7.99
N ALA B 249 13.76 -20.61 7.33
CA ALA B 249 12.71 -21.54 7.70
C ALA B 249 11.70 -21.62 6.58
N PRO B 250 11.01 -22.77 6.42
CA PRO B 250 9.98 -22.82 5.38
C PRO B 250 8.86 -21.80 5.60
N GLU B 251 8.26 -21.39 4.49
CA GLU B 251 7.23 -20.38 4.42
C GLU B 251 6.07 -20.62 5.39
N GLU B 252 5.66 -21.89 5.49
N GLU B 252 5.63 -21.87 5.50
CA GLU B 252 4.53 -22.28 6.34
CA GLU B 252 4.48 -22.19 6.36
C GLU B 252 4.79 -21.96 7.81
C GLU B 252 4.77 -21.99 7.85
N LEU B 253 6.02 -22.24 8.25
CA LEU B 253 6.40 -21.99 9.65
C LEU B 253 6.50 -20.50 9.92
N LEU B 254 7.07 -19.76 8.96
CA LEU B 254 7.20 -18.30 9.08
C LEU B 254 5.83 -17.67 9.26
N LYS B 255 4.86 -18.14 8.49
CA LYS B 255 3.52 -17.59 8.55
C LYS B 255 2.94 -17.83 9.94
N SER B 256 3.07 -19.06 10.41
CA SER B 256 2.57 -19.46 11.71
C SER B 256 3.24 -18.68 12.86
N TRP B 257 4.55 -18.46 12.79
CA TRP B 257 5.27 -17.64 13.76
C TRP B 257 4.89 -16.16 13.68
N TYR B 258 4.67 -15.69 12.45
CA TYR B 258 4.20 -14.32 12.25
C TYR B 258 2.84 -14.11 12.91
N ILE B 259 1.90 -15.01 12.64
CA ILE B 259 0.55 -14.91 13.21
C ILE B 259 0.61 -14.96 14.74
N ASN B 260 1.38 -15.91 15.29
N ASN B 260 1.39 -15.90 15.28
CA ASN B 260 1.53 -16.04 16.75
CA ASN B 260 1.52 -16.03 16.73
C ASN B 260 2.04 -14.74 17.38
C ASN B 260 2.07 -14.77 17.39
N ARG B 261 3.06 -14.14 16.75
CA ARG B 261 3.59 -12.87 17.25
C ARG B 261 2.58 -11.72 17.13
N PHE B 262 1.84 -11.67 16.03
CA PHE B 262 0.78 -10.67 15.82
C PHE B 262 -0.21 -10.77 16.97
N LEU B 263 -0.64 -12.00 17.28
CA LEU B 263 -1.61 -12.20 18.37
C LEU B 263 -1.03 -11.81 19.72
N LYS B 264 0.28 -12.07 19.94
CA LYS B 264 0.93 -11.64 21.19
C LYS B 264 1.00 -10.11 21.33
N PHE B 265 1.29 -9.43 20.22
CA PHE B 265 1.33 -7.97 20.19
C PHE B 265 -0.07 -7.41 20.46
N ARG B 266 -1.09 -8.05 19.89
CA ARG B 266 -2.49 -7.63 20.14
C ARG B 266 -2.80 -7.73 21.63
N GLU B 267 -2.54 -8.90 22.23
CA GLU B 267 -2.78 -9.10 23.67
C GLU B 267 -2.02 -8.08 24.53
N GLY B 268 -0.76 -7.86 24.24
CA GLY B 268 0.07 -6.90 24.96
C GLY B 268 -0.42 -5.46 24.91
N ALA B 269 -1.29 -5.15 23.95
CA ALA B 269 -1.82 -3.78 23.76
C ALA B 269 -3.23 -3.56 24.32
N PHE B 270 -3.86 -4.61 24.83
CA PHE B 270 -5.25 -4.51 25.36
C PHE B 270 -5.50 -3.29 26.22
N THR B 271 -4.55 -2.98 27.10
CA THR B 271 -4.74 -1.87 28.04
C THR B 271 -3.87 -0.65 27.75
N ASP B 272 -3.38 -0.51 26.52
CA ASP B 272 -2.66 0.71 26.15
C ASP B 272 -3.30 1.35 24.92
N PRO B 273 -4.29 2.25 25.13
CA PRO B 273 -5.06 2.89 24.04
C PRO B 273 -4.22 3.68 23.06
N ASP B 274 -3.04 4.12 23.49
CA ASP B 274 -2.15 4.90 22.63
C ASP B 274 -1.22 4.00 21.81
N SER B 275 -1.36 2.69 21.94
CA SER B 275 -0.47 1.73 21.27
C SER B 275 -1.01 1.41 19.88
N TYR B 276 -0.12 1.27 18.91
CA TYR B 276 -0.52 0.93 17.55
C TYR B 276 -1.34 -0.37 17.51
N PHE B 277 -0.94 -1.37 18.29
N PHE B 277 -0.94 -1.37 18.29
CA PHE B 277 -1.63 -2.67 18.27
CA PHE B 277 -1.62 -2.66 18.28
C PHE B 277 -2.93 -2.70 19.06
C PHE B 277 -2.94 -2.69 19.04
N HIS B 278 -3.23 -1.61 19.76
CA HIS B 278 -4.53 -1.47 20.42
C HIS B 278 -5.64 -1.43 19.36
N ASN B 279 -5.33 -0.92 18.16
CA ASN B 279 -6.27 -0.95 17.03
C ASN B 279 -6.79 -2.35 16.75
N TYR B 280 -5.95 -3.36 16.92
CA TYR B 280 -6.33 -4.73 16.65
C TYR B 280 -7.07 -5.40 17.82
N ALA B 281 -7.04 -4.75 18.99
CA ALA B 281 -7.81 -5.23 20.15
C ALA B 281 -9.33 -5.20 19.93
N LYS B 282 -9.79 -4.29 19.06
N LYS B 282 -9.77 -4.28 19.06
CA LYS B 282 -11.23 -4.18 18.78
CA LYS B 282 -11.18 -4.12 18.70
C LYS B 282 -11.76 -5.29 17.87
C LYS B 282 -11.74 -5.32 17.93
N LEU B 283 -10.85 -6.02 17.22
CA LEU B 283 -11.22 -7.18 16.42
C LEU B 283 -11.33 -8.42 17.29
N SER B 284 -12.20 -9.36 16.91
CA SER B 284 -12.21 -10.68 17.53
C SER B 284 -10.85 -11.33 17.26
N LYS B 285 -10.49 -12.34 18.07
CA LYS B 285 -9.24 -13.07 17.83
C LYS B 285 -9.30 -13.68 16.42
N GLU B 286 -10.47 -14.15 16.01
CA GLU B 286 -10.66 -14.77 14.70
C GLU B 286 -10.38 -13.79 13.56
N GLU B 287 -10.92 -12.59 13.65
CA GLU B 287 -10.69 -11.61 12.61
C GLU B 287 -9.26 -11.10 12.64
N ALA B 288 -8.69 -11.02 13.84
CA ALA B 288 -7.27 -10.69 14.01
C ALA B 288 -6.36 -11.68 13.26
N VAL B 289 -6.65 -12.98 13.36
CA VAL B 289 -5.94 -14.00 12.58
C VAL B 289 -6.13 -13.77 11.07
N ASP B 290 -7.35 -13.47 10.64
CA ASP B 290 -7.60 -13.19 9.22
C ASP B 290 -6.80 -12.01 8.68
N ILE B 291 -6.75 -10.93 9.44
N ILE B 291 -6.75 -10.91 9.43
CA ILE B 291 -6.02 -9.75 9.02
CA ILE B 291 -6.01 -9.72 9.01
C ILE B 291 -4.50 -9.98 9.04
C ILE B 291 -4.49 -9.94 9.05
N ALA B 292 -4.01 -10.66 10.08
CA ALA B 292 -2.59 -11.04 10.17
C ALA B 292 -2.20 -11.92 8.99
N THR B 293 -3.07 -12.87 8.64
CA THR B 293 -2.85 -13.76 7.49
C THR B 293 -2.76 -12.95 6.20
N SER B 294 -3.65 -11.97 6.05
CA SER B 294 -3.59 -11.05 4.90
C SER B 294 -2.34 -10.18 4.83
N LEU B 295 -1.91 -9.66 5.98
CA LEU B 295 -0.69 -8.87 6.06
C LEU B 295 0.52 -9.73 5.72
N TRP B 296 0.51 -10.99 6.16
CA TRP B 296 1.59 -11.92 5.78
C TRP B 296 1.61 -12.11 4.26
N ASN B 297 0.47 -12.48 3.68
CA ASN B 297 0.43 -12.83 2.26
C ASN B 297 0.75 -11.67 1.33
N GLU B 298 0.27 -10.48 1.67
CA GLU B 298 0.35 -9.33 0.79
C GLU B 298 1.62 -8.50 0.97
N ILE B 299 2.15 -8.48 2.20
CA ILE B 299 3.30 -7.65 2.50
C ILE B 299 4.56 -8.49 2.77
N ASN B 300 4.54 -9.27 3.84
CA ASN B 300 5.76 -9.92 4.30
C ASN B 300 6.24 -11.09 3.43
N LEU B 301 5.30 -11.90 2.92
CA LEU B 301 5.64 -12.99 2.04
C LEU B 301 6.19 -12.45 0.72
N MET B 302 5.58 -11.37 0.22
CA MET B 302 6.07 -10.73 -1.00
C MET B 302 7.50 -10.24 -0.77
N ASN B 303 7.72 -9.60 0.38
CA ASN B 303 9.02 -9.05 0.73
C ASN B 303 10.07 -10.16 0.83
N LEU B 304 9.69 -11.28 1.46
CA LEU B 304 10.54 -12.46 1.54
C LEU B 304 10.98 -12.93 0.14
N LYS B 305 10.00 -13.25 -0.71
CA LYS B 305 10.26 -13.81 -2.04
C LYS B 305 11.03 -12.88 -2.97
N GLU B 306 10.68 -11.59 -2.91
N GLU B 306 10.69 -11.60 -2.94
CA GLU B 306 11.22 -10.57 -3.81
CA GLU B 306 11.32 -10.64 -3.84
C GLU B 306 12.55 -9.97 -3.35
C GLU B 306 12.65 -10.11 -3.34
N ASN B 307 12.76 -9.84 -2.04
CA ASN B 307 13.91 -9.07 -1.52
C ASN B 307 14.82 -9.74 -0.51
N ILE B 308 14.28 -10.69 0.25
CA ILE B 308 15.03 -11.22 1.39
C ILE B 308 15.65 -12.58 1.03
N LEU B 309 14.82 -13.55 0.63
CA LEU B 309 15.29 -14.89 0.31
C LEU B 309 16.38 -14.92 -0.77
N PRO B 310 16.28 -14.05 -1.80
CA PRO B 310 17.36 -14.11 -2.79
C PRO B 310 18.76 -13.78 -2.25
N THR B 311 18.84 -13.17 -1.06
CA THR B 311 20.14 -12.81 -0.47
C THR B 311 20.76 -13.94 0.38
N ARG B 312 20.01 -15.02 0.59
CA ARG B 312 20.41 -16.11 1.51
C ARG B 312 21.85 -16.64 1.29
N GLU B 313 22.21 -16.89 0.02
CA GLU B 313 23.49 -17.50 -0.32
C GLU B 313 24.66 -16.52 -0.28
N ARG B 314 24.37 -15.27 0.13
CA ARG B 314 25.44 -14.34 0.48
C ARG B 314 25.93 -14.48 1.93
N ALA B 315 25.26 -15.29 2.73
CA ALA B 315 25.60 -15.41 4.17
C ALA B 315 26.84 -16.27 4.41
N SER B 316 27.59 -15.95 5.47
CA SER B 316 28.69 -16.82 5.93
C SER B 316 28.09 -18.12 6.44
N LEU B 317 26.91 -18.03 7.06
CA LEU B 317 26.32 -19.20 7.68
C LEU B 317 24.80 -19.15 7.52
N ILE B 318 24.20 -20.28 7.16
CA ILE B 318 22.76 -20.40 7.07
C ILE B 318 22.27 -21.34 8.17
N MET B 319 21.40 -20.82 9.04
CA MET B 319 20.85 -21.59 10.15
C MET B 319 19.37 -21.84 9.88
N THR B 320 19.00 -23.11 9.72
CA THR B 320 17.66 -23.50 9.28
C THR B 320 16.84 -24.07 10.43
N LYS B 321 15.63 -23.54 10.60
CA LYS B 321 14.74 -23.92 11.69
C LYS B 321 13.56 -24.77 11.21
N SER B 322 13.05 -25.61 12.10
CA SER B 322 11.90 -26.42 11.82
C SER B 322 10.84 -26.14 12.90
N ALA B 323 9.85 -27.02 13.02
CA ALA B 323 8.76 -26.84 13.99
C ALA B 323 9.31 -26.54 15.38
N ASN B 324 8.62 -25.68 16.12
CA ASN B 324 8.99 -25.31 17.50
C ASN B 324 10.31 -24.53 17.58
N HIS B 325 10.73 -24.00 16.43
CA HIS B 325 11.97 -23.23 16.30
C HIS B 325 13.26 -24.07 16.42
N SER B 326 13.14 -25.40 16.43
CA SER B 326 14.32 -26.28 16.55
C SER B 326 15.21 -26.19 15.31
N VAL B 327 16.50 -25.89 15.51
CA VAL B 327 17.44 -25.84 14.38
C VAL B 327 17.63 -27.26 13.85
N ASN B 328 17.51 -27.43 12.53
CA ASN B 328 17.70 -28.77 11.95
C ASN B 328 18.85 -28.85 10.95
N GLN B 329 19.44 -27.70 10.60
CA GLN B 329 20.57 -27.67 9.67
C GLN B 329 21.39 -26.40 9.87
N VAL B 330 22.72 -26.55 9.80
CA VAL B 330 23.63 -25.40 9.79
C VAL B 330 24.57 -25.60 8.60
N ARG B 331 24.68 -24.56 7.79
CA ARG B 331 25.59 -24.50 6.65
C ARG B 331 26.59 -23.36 6.87
N LEU B 332 27.88 -23.67 6.71
CA LEU B 332 28.96 -22.72 6.95
C LEU B 332 29.83 -22.69 5.69
N ARG B 333 30.14 -21.49 5.19
CA ARG B 333 30.96 -21.34 4.00
C ARG B 333 32.30 -22.04 4.19
N LYS B 334 32.71 -22.77 3.16
CA LYS B 334 34.00 -23.49 3.16
C LYS B 334 35.23 -22.60 3.08
#